data_7DO7
#
_entry.id   7DO7
#
_cell.length_a   68.470
_cell.length_b   97.931
_cell.length_c   70.302
_cell.angle_alpha   90.000
_cell.angle_beta   90.000
_cell.angle_gamma   90.000
#
_symmetry.space_group_name_H-M   'P 21 21 2'
#
loop_
_entity.id
_entity.type
_entity.pdbx_description
1 polymer 'Short-chain dehydrogenase/reductase SDR'
2 non-polymer NICOTINAMIDE-ADENINE-DINUCLEOTIDE
3 non-polymer beta-L-rhamnopyranose
4 water water
#
_entity_poly.entity_id   1
_entity_poly.type   'polypeptide(L)'
_entity_poly.pdbx_seq_one_letter_code
;MRGSHHHHHHGSLLIDKTVIVTGASRGIGRAAARECARQGARVVIGHSGSDEGRAGALSLAEEIAAFGGTAIAVGADAAD
LDSGEKLVAAAVEAFGSVDVLVNNAGICPFHSFLDMPRELYLKTVGTNLNGAYFTVQAAARRMKEQGRGGAIIAVSSISA
LVGGAMQTHYTPTKAGLLSLMQSCAIALGPYGIRCNAVLPGTIATDINKEDLSDLEKRERMTSRVPLGRLGEPDDLAGPI
VFLASDMARYVTGASLLVDGGLFVNLQ
;
_entity_poly.pdbx_strand_id   A,B
#
loop_
_chem_comp.id
_chem_comp.type
_chem_comp.name
_chem_comp.formula
NAD non-polymer NICOTINAMIDE-ADENINE-DINUCLEOTIDE 'C21 H27 N7 O14 P2'
RM4 L-saccharide, beta linking beta-L-rhamnopyranose 'C6 H12 O5'
#
# COMPACT_ATOMS: atom_id res chain seq x y z
N SER A 12 -8.10 -5.47 -15.77
CA SER A 12 -7.53 -4.50 -16.71
C SER A 12 -7.31 -3.15 -16.01
N LEU A 13 -6.58 -3.20 -14.89
CA LEU A 13 -6.36 -1.99 -14.10
C LEU A 13 -5.49 -0.97 -14.81
N LEU A 14 -4.74 -1.36 -15.84
CA LEU A 14 -3.79 -0.48 -16.49
C LEU A 14 -4.04 -0.39 -17.99
N ILE A 15 -5.28 -0.60 -18.42
CA ILE A 15 -5.58 -0.58 -19.86
C ILE A 15 -5.22 0.77 -20.46
N ASP A 16 -4.55 0.73 -21.61
CA ASP A 16 -4.19 1.91 -22.39
C ASP A 16 -3.19 2.83 -21.67
N LYS A 17 -2.49 2.31 -20.68
CA LYS A 17 -1.40 3.05 -20.04
C LYS A 17 -0.08 2.52 -20.58
N THR A 18 0.86 3.43 -20.82
CA THR A 18 2.22 3.06 -21.18
C THR A 18 3.06 3.01 -19.91
N VAL A 19 3.62 1.83 -19.62
CA VAL A 19 4.40 1.60 -18.40
C VAL A 19 5.84 1.30 -18.78
N ILE A 20 6.77 2.06 -18.22
CA ILE A 20 8.21 1.77 -18.34
C ILE A 20 8.68 1.11 -17.06
N VAL A 21 9.37 -0.03 -17.19
CA VAL A 21 9.98 -0.70 -16.05
C VAL A 21 11.47 -0.81 -16.32
N THR A 22 12.29 -0.27 -15.41
CA THR A 22 13.73 -0.35 -15.60
C THR A 22 14.28 -1.63 -14.95
N GLY A 23 15.39 -2.12 -15.49
CA GLY A 23 15.98 -3.37 -15.03
C GLY A 23 14.99 -4.51 -14.99
N ALA A 24 14.23 -4.68 -16.07
CA ALA A 24 13.09 -5.59 -16.10
C ALA A 24 13.43 -6.94 -16.74
N SER A 25 14.72 -7.26 -16.92
CA SER A 25 15.08 -8.52 -17.57
C SER A 25 14.85 -9.72 -16.67
N ARG A 26 14.88 -9.53 -15.35
CA ARG A 26 14.70 -10.62 -14.41
C ARG A 26 14.18 -10.08 -13.08
N GLY A 27 13.91 -11.00 -12.17
CA GLY A 27 13.58 -10.65 -10.80
C GLY A 27 12.28 -9.86 -10.69
N ILE A 28 12.26 -8.98 -9.67
CA ILE A 28 11.07 -8.18 -9.40
C ILE A 28 10.62 -7.41 -10.65
N GLY A 29 11.57 -6.79 -11.35
CA GLY A 29 11.18 -5.96 -12.50
C GLY A 29 10.56 -6.78 -13.62
N ARG A 30 11.08 -7.97 -13.86
CA ARG A 30 10.46 -8.82 -14.87
C ARG A 30 9.03 -9.17 -14.50
N ALA A 31 8.81 -9.56 -13.24
CA ALA A 31 7.47 -9.94 -12.81
C ALA A 31 6.51 -8.76 -12.85
N ALA A 32 7.00 -7.56 -12.53
CA ALA A 32 6.13 -6.38 -12.59
C ALA A 32 5.78 -6.06 -14.04
N ALA A 33 6.79 -6.07 -14.92
CA ALA A 33 6.57 -5.83 -16.34
C ALA A 33 5.53 -6.79 -16.88
N ARG A 34 5.65 -8.08 -16.53
CA ARG A 34 4.74 -9.09 -17.04
C ARG A 34 3.31 -8.88 -16.54
N GLU A 35 3.16 -8.60 -15.24
CA GLU A 35 1.81 -8.39 -14.72
C GLU A 35 1.18 -7.11 -15.23
N CYS A 36 1.96 -6.04 -15.46
CA CYS A 36 1.38 -4.81 -16.00
C CYS A 36 0.81 -5.05 -17.39
N ALA A 37 1.50 -5.86 -18.19
CA ALA A 37 0.98 -6.22 -19.51
C ALA A 37 -0.27 -7.07 -19.39
N ARG A 38 -0.34 -7.95 -18.40
CA ARG A 38 -1.59 -8.68 -18.16
C ARG A 38 -2.73 -7.78 -17.73
N GLN A 39 -2.43 -6.61 -17.19
CA GLN A 39 -3.44 -5.67 -16.74
C GLN A 39 -3.78 -4.63 -17.80
N GLY A 40 -3.33 -4.84 -19.04
CA GLY A 40 -3.73 -4.01 -20.16
C GLY A 40 -2.70 -3.01 -20.62
N ALA A 41 -1.61 -2.83 -19.88
CA ALA A 41 -0.67 -1.78 -20.19
C ALA A 41 0.23 -2.15 -21.35
N ARG A 42 0.68 -1.14 -22.08
CA ARG A 42 1.72 -1.29 -23.08
C ARG A 42 3.05 -1.05 -22.39
N VAL A 43 3.92 -2.07 -22.38
CA VAL A 43 5.05 -2.10 -21.46
C VAL A 43 6.35 -1.83 -22.22
N VAL A 44 7.13 -0.89 -21.70
CA VAL A 44 8.48 -0.67 -22.17
C VAL A 44 9.40 -1.41 -21.21
N ILE A 45 10.01 -2.48 -21.70
CA ILE A 45 10.86 -3.35 -20.90
C ILE A 45 12.28 -2.78 -20.95
N GLY A 46 12.65 -2.05 -19.91
CA GLY A 46 13.99 -1.51 -19.84
C GLY A 46 14.96 -2.56 -19.33
N HIS A 47 16.16 -2.54 -19.88
CA HIS A 47 17.18 -3.49 -19.46
C HIS A 47 18.54 -2.81 -19.49
N SER A 48 19.53 -3.48 -18.91
CA SER A 48 20.84 -2.87 -18.68
C SER A 48 21.63 -2.67 -19.96
N GLY A 49 21.33 -3.42 -21.00
CA GLY A 49 22.15 -3.39 -22.20
C GLY A 49 23.24 -4.44 -22.24
N SER A 50 23.38 -5.25 -21.19
CA SER A 50 24.27 -6.40 -21.20
C SER A 50 23.69 -7.52 -22.05
N ASP A 51 24.50 -8.55 -22.29
CA ASP A 51 24.02 -9.68 -23.08
C ASP A 51 22.80 -10.32 -22.45
N GLU A 52 22.91 -10.67 -21.15
CA GLU A 52 21.81 -11.32 -20.45
C GLU A 52 20.62 -10.38 -20.28
N GLY A 53 20.89 -9.09 -20.06
CA GLY A 53 19.79 -8.15 -19.92
C GLY A 53 18.94 -8.08 -21.16
N ARG A 54 19.58 -7.87 -22.32
CA ARG A 54 18.84 -7.81 -23.58
C ARG A 54 18.11 -9.10 -23.87
N ALA A 55 18.78 -10.24 -23.70
CA ALA A 55 18.13 -11.52 -23.98
C ALA A 55 16.89 -11.72 -23.10
N GLY A 56 16.98 -11.32 -21.83
CA GLY A 56 15.83 -11.47 -20.95
C GLY A 56 14.68 -10.54 -21.31
N ALA A 57 15.01 -9.33 -21.75
CA ALA A 57 13.95 -8.38 -22.10
C ALA A 57 13.19 -8.85 -23.34
N LEU A 58 13.90 -9.38 -24.33
CA LEU A 58 13.25 -9.83 -25.56
C LEU A 58 12.40 -11.06 -25.31
N SER A 59 12.87 -11.98 -24.47
CA SER A 59 12.07 -13.16 -24.16
C SER A 59 10.83 -12.79 -23.36
N LEU A 60 10.91 -11.74 -22.53
CA LEU A 60 9.68 -11.26 -21.89
C LEU A 60 8.75 -10.64 -22.93
N ALA A 61 9.29 -9.80 -23.83
CA ALA A 61 8.45 -9.23 -24.88
C ALA A 61 7.82 -10.32 -25.73
N GLU A 62 8.59 -11.37 -26.06
CA GLU A 62 8.01 -12.52 -26.75
C GLU A 62 6.87 -13.14 -25.94
N GLU A 63 7.08 -13.31 -24.63
CA GLU A 63 6.04 -13.88 -23.78
C GLU A 63 4.79 -13.02 -23.75
N ILE A 64 4.96 -11.70 -23.68
CA ILE A 64 3.81 -10.81 -23.66
C ILE A 64 3.09 -10.85 -25.00
N ALA A 65 3.84 -10.88 -26.10
CA ALA A 65 3.22 -11.06 -27.41
C ALA A 65 2.37 -12.33 -27.44
N ALA A 66 2.87 -13.40 -26.80
CA ALA A 66 2.21 -14.69 -26.88
C ALA A 66 0.84 -14.70 -26.20
N PHE A 67 0.62 -13.86 -25.19
CA PHE A 67 -0.68 -13.85 -24.54
C PHE A 67 -1.52 -12.63 -24.91
N GLY A 68 -1.14 -11.93 -25.97
CA GLY A 68 -2.00 -10.91 -26.55
C GLY A 68 -1.75 -9.50 -26.08
N GLY A 69 -0.68 -9.25 -25.33
CA GLY A 69 -0.33 -7.90 -24.92
C GLY A 69 0.67 -7.26 -25.87
N THR A 70 1.06 -6.03 -25.53
CA THR A 70 2.07 -5.32 -26.30
C THR A 70 3.23 -4.92 -25.40
N ALA A 71 4.45 -5.12 -25.90
CA ALA A 71 5.64 -4.69 -25.18
C ALA A 71 6.77 -4.50 -26.17
N ILE A 72 7.75 -3.71 -25.76
CA ILE A 72 8.99 -3.50 -26.48
C ILE A 72 10.14 -3.57 -25.49
N ALA A 73 11.31 -3.94 -25.99
CA ALA A 73 12.52 -3.95 -25.18
C ALA A 73 13.39 -2.76 -25.55
N VAL A 74 13.99 -2.13 -24.54
CA VAL A 74 14.80 -0.94 -24.72
C VAL A 74 15.97 -1.01 -23.76
N GLY A 75 17.19 -1.00 -24.31
CA GLY A 75 18.38 -0.97 -23.48
C GLY A 75 18.58 0.42 -22.89
N ALA A 76 18.91 0.45 -21.59
CA ALA A 76 19.13 1.70 -20.90
C ALA A 76 19.90 1.49 -19.60
N ASP A 77 21.22 1.66 -19.65
CA ASP A 77 22.04 1.52 -18.44
C ASP A 77 21.65 2.59 -17.42
N ALA A 78 21.15 2.13 -16.26
CA ALA A 78 20.66 3.05 -15.24
C ALA A 78 21.76 3.96 -14.71
N ALA A 79 23.00 3.48 -14.69
CA ALA A 79 24.11 4.33 -14.25
C ALA A 79 24.45 5.41 -15.28
N ASP A 80 23.97 5.27 -16.52
CA ASP A 80 24.10 6.32 -17.53
C ASP A 80 22.99 7.34 -17.28
N LEU A 81 23.36 8.53 -16.80
CA LEU A 81 22.35 9.51 -16.42
C LEU A 81 21.52 10.01 -17.60
N ASP A 82 21.88 9.64 -18.84
CA ASP A 82 21.10 10.03 -20.01
C ASP A 82 20.10 8.99 -20.47
N SER A 83 20.07 7.82 -19.85
CA SER A 83 19.18 6.76 -20.35
C SER A 83 17.70 7.03 -20.03
N GLY A 84 17.41 7.89 -19.05
CA GLY A 84 16.01 8.20 -18.78
C GLY A 84 15.30 8.77 -20.00
N GLU A 85 15.91 9.78 -20.62
CA GLU A 85 15.32 10.38 -21.82
C GLU A 85 15.26 9.39 -22.96
N LYS A 86 16.24 8.48 -23.05
CA LYS A 86 16.18 7.43 -24.07
C LYS A 86 14.97 6.54 -23.88
N LEU A 87 14.69 6.15 -22.62
CA LEU A 87 13.52 5.33 -22.35
C LEU A 87 12.24 6.05 -22.71
N VAL A 88 12.13 7.32 -22.33
CA VAL A 88 10.92 8.09 -22.61
C VAL A 88 10.73 8.28 -24.10
N ALA A 89 11.80 8.66 -24.81
CA ALA A 89 11.71 8.81 -26.26
C ALA A 89 11.21 7.54 -26.92
N ALA A 90 11.72 6.38 -26.50
CA ALA A 90 11.28 5.12 -27.10
C ALA A 90 9.85 4.78 -26.73
N ALA A 91 9.47 5.02 -25.47
CA ALA A 91 8.07 4.79 -25.09
C ALA A 91 7.12 5.63 -25.92
N VAL A 92 7.47 6.89 -26.17
CA VAL A 92 6.60 7.78 -26.93
C VAL A 92 6.53 7.34 -28.39
N GLU A 93 7.67 6.92 -28.95
CA GLU A 93 7.70 6.43 -30.32
C GLU A 93 6.75 5.26 -30.51
N ALA A 94 6.86 4.24 -29.64
CA ALA A 94 6.06 3.03 -29.80
C ALA A 94 4.61 3.24 -29.38
N PHE A 95 4.37 3.94 -28.26
CA PHE A 95 3.07 3.90 -27.61
C PHE A 95 2.44 5.27 -27.41
N GLY A 96 3.13 6.37 -27.76
CA GLY A 96 2.52 7.68 -27.81
C GLY A 96 2.40 8.42 -26.49
N SER A 97 2.85 7.82 -25.39
CA SER A 97 2.73 8.42 -24.07
C SER A 97 3.67 7.70 -23.11
N VAL A 98 3.90 8.32 -21.95
CA VAL A 98 4.48 7.65 -20.78
C VAL A 98 3.51 7.91 -19.64
N ASP A 99 3.00 6.83 -19.03
CA ASP A 99 1.99 7.01 -18.00
C ASP A 99 2.41 6.46 -16.64
N VAL A 100 3.33 5.50 -16.62
CA VAL A 100 3.79 4.87 -15.39
C VAL A 100 5.29 4.64 -15.53
N LEU A 101 6.04 4.95 -14.49
CA LEU A 101 7.43 4.58 -14.39
C LEU A 101 7.59 3.71 -13.16
N VAL A 102 8.13 2.50 -13.35
CA VAL A 102 8.55 1.64 -12.27
C VAL A 102 10.07 1.62 -12.28
N ASN A 103 10.68 2.34 -11.35
CA ASN A 103 12.14 2.42 -11.26
C ASN A 103 12.59 1.25 -10.40
N ASN A 104 13.15 0.24 -11.04
CA ASN A 104 13.47 -1.01 -10.39
C ASN A 104 14.94 -1.38 -10.46
N ALA A 105 15.66 -0.92 -11.49
CA ALA A 105 17.07 -1.26 -11.64
C ALA A 105 17.87 -0.96 -10.39
N GLY A 106 18.73 -1.88 -10.00
CA GLY A 106 19.51 -1.70 -8.81
C GLY A 106 20.41 -2.88 -8.61
N ILE A 107 21.47 -2.63 -7.85
CA ILE A 107 22.48 -3.64 -7.53
C ILE A 107 22.76 -3.58 -6.04
N CYS A 108 23.17 -4.72 -5.47
CA CYS A 108 23.66 -4.78 -4.10
C CYS A 108 24.84 -5.73 -4.02
N PRO A 109 26.03 -5.24 -4.30
CA PRO A 109 27.23 -6.07 -4.16
C PRO A 109 27.67 -6.11 -2.70
N PHE A 110 27.27 -7.16 -1.98
CA PHE A 110 27.58 -7.29 -0.57
C PHE A 110 29.07 -7.09 -0.31
N HIS A 111 29.39 -6.22 0.65
CA HIS A 111 30.77 -5.89 0.91
C HIS A 111 30.88 -5.22 2.28
N SER A 112 31.97 -5.49 2.96
CA SER A 112 32.17 -4.87 4.28
C SER A 112 32.50 -3.39 4.13
N PHE A 113 32.34 -2.68 5.24
CA PHE A 113 32.37 -1.22 5.23
C PHE A 113 33.79 -0.69 5.25
N LEU A 114 34.64 -1.22 6.13
CA LEU A 114 35.94 -0.59 6.36
C LEU A 114 36.88 -0.73 5.17
N ASP A 115 36.70 -1.74 4.32
CA ASP A 115 37.51 -1.90 3.12
C ASP A 115 36.72 -1.67 1.84
N MET A 116 35.57 -1.02 1.93
CA MET A 116 34.75 -0.73 0.77
C MET A 116 35.55 0.04 -0.28
N PRO A 117 35.71 -0.50 -1.50
CA PRO A 117 36.39 0.25 -2.56
C PRO A 117 35.56 1.46 -3.00
N ARG A 118 36.27 2.56 -3.33
CA ARG A 118 35.58 3.76 -3.79
C ARG A 118 34.78 3.49 -5.06
N GLU A 119 35.34 2.70 -6.00
CA GLU A 119 34.61 2.44 -7.24
C GLU A 119 33.33 1.67 -6.98
N LEU A 120 33.39 0.66 -6.11
CA LEU A 120 32.19 -0.14 -5.83
C LEU A 120 31.11 0.72 -5.18
N TYR A 121 31.51 1.58 -4.24
CA TYR A 121 30.54 2.50 -3.64
C TYR A 121 29.92 3.41 -4.68
N LEU A 122 30.76 4.05 -5.51
CA LEU A 122 30.24 5.00 -6.47
C LEU A 122 29.35 4.34 -7.51
N LYS A 123 29.63 3.07 -7.85
CA LYS A 123 28.80 2.35 -8.79
C LYS A 123 27.43 2.05 -8.19
N THR A 124 27.38 1.77 -6.90
CA THR A 124 26.11 1.46 -6.26
C THR A 124 25.24 2.71 -6.13
N VAL A 125 25.82 3.83 -5.70
CA VAL A 125 25.05 5.08 -5.67
C VAL A 125 24.66 5.50 -7.08
N GLY A 126 25.58 5.37 -8.05
CA GLY A 126 25.27 5.78 -9.40
C GLY A 126 24.13 4.99 -10.03
N THR A 127 24.13 3.67 -9.83
CA THR A 127 23.09 2.85 -10.42
C THR A 127 21.76 2.96 -9.69
N ASN A 128 21.80 2.95 -8.36
CA ASN A 128 20.61 2.79 -7.55
C ASN A 128 19.88 4.09 -7.28
N LEU A 129 20.61 5.20 -7.14
CA LEU A 129 20.02 6.47 -6.75
C LEU A 129 20.18 7.53 -7.82
N ASN A 130 21.42 7.81 -8.27
CA ASN A 130 21.64 8.92 -9.21
C ASN A 130 20.95 8.67 -10.54
N GLY A 131 21.08 7.44 -11.08
CA GLY A 131 20.39 7.11 -12.30
C GLY A 131 18.88 7.11 -12.13
N ALA A 132 18.40 6.66 -10.97
CA ALA A 132 16.98 6.74 -10.68
C ALA A 132 16.50 8.19 -10.71
N TYR A 133 17.26 9.12 -10.09
CA TYR A 133 16.87 10.52 -10.06
C TYR A 133 16.59 11.05 -11.46
N PHE A 134 17.48 10.78 -12.40
CA PHE A 134 17.30 11.35 -13.72
C PHE A 134 16.38 10.52 -14.62
N THR A 135 16.16 9.24 -14.30
CA THR A 135 15.09 8.49 -14.96
C THR A 135 13.73 8.98 -14.51
N VAL A 136 13.56 9.18 -13.20
CA VAL A 136 12.33 9.79 -12.69
C VAL A 136 12.13 11.17 -13.31
N GLN A 137 13.22 11.92 -13.45
CA GLN A 137 13.13 13.27 -13.99
C GLN A 137 12.61 13.26 -15.42
N ALA A 138 13.15 12.36 -16.25
CA ALA A 138 12.71 12.30 -17.64
C ALA A 138 11.25 11.86 -17.75
N ALA A 139 10.85 10.84 -16.99
CA ALA A 139 9.47 10.36 -17.07
C ALA A 139 8.51 11.42 -16.57
N ALA A 140 8.84 12.08 -15.47
CA ALA A 140 7.96 13.11 -14.91
C ALA A 140 7.82 14.28 -15.87
N ARG A 141 8.91 14.65 -16.55
CA ARG A 141 8.87 15.71 -17.55
C ARG A 141 7.83 15.41 -18.63
N ARG A 142 7.84 14.17 -19.12
CA ARG A 142 6.87 13.77 -20.14
C ARG A 142 5.46 13.74 -19.58
N MET A 143 5.29 13.17 -18.38
CA MET A 143 3.96 13.13 -17.77
C MET A 143 3.40 14.53 -17.58
N LYS A 144 4.24 15.50 -17.22
CA LYS A 144 3.77 16.87 -17.01
C LYS A 144 3.38 17.53 -18.32
N GLU A 145 4.17 17.27 -19.37
CA GLU A 145 3.85 17.82 -20.69
C GLU A 145 2.51 17.28 -21.19
N GLN A 146 2.22 16.00 -20.92
CA GLN A 146 0.98 15.40 -21.39
C GLN A 146 -0.24 15.95 -20.67
N GLY A 147 -0.11 16.22 -19.38
CA GLY A 147 -1.21 16.80 -18.62
C GLY A 147 -2.31 15.85 -18.23
N ARG A 148 -2.06 14.54 -18.23
CA ARG A 148 -3.05 13.55 -17.83
C ARG A 148 -2.75 12.95 -16.46
N GLY A 149 -1.74 13.47 -15.76
CA GLY A 149 -1.27 12.85 -14.54
C GLY A 149 -0.35 11.67 -14.84
N GLY A 150 0.11 11.02 -13.78
CA GLY A 150 0.97 9.88 -13.96
C GLY A 150 1.22 9.18 -12.65
N ALA A 151 1.99 8.08 -12.72
CA ALA A 151 2.31 7.30 -11.53
C ALA A 151 3.76 6.87 -11.60
N ILE A 152 4.51 7.13 -10.53
CA ILE A 152 5.92 6.77 -10.44
C ILE A 152 6.08 5.90 -9.20
N ILE A 153 6.73 4.75 -9.36
CA ILE A 153 6.93 3.80 -8.28
C ILE A 153 8.41 3.49 -8.24
N ALA A 154 9.03 3.68 -7.07
CA ALA A 154 10.42 3.31 -6.84
C ALA A 154 10.48 2.02 -6.04
N VAL A 155 11.28 1.08 -6.50
CA VAL A 155 11.52 -0.15 -5.74
C VAL A 155 12.65 0.15 -4.75
N SER A 156 12.26 0.45 -3.51
CA SER A 156 13.15 0.75 -2.40
C SER A 156 13.42 -0.57 -1.67
N SER A 157 13.43 -0.60 -0.34
CA SER A 157 13.67 -1.85 0.36
C SER A 157 13.23 -1.68 1.80
N ILE A 158 12.94 -2.81 2.45
CA ILE A 158 12.92 -2.81 3.91
C ILE A 158 14.20 -2.18 4.43
N SER A 159 15.31 -2.36 3.71
CA SER A 159 16.59 -1.80 4.15
C SER A 159 16.64 -0.29 3.99
N ALA A 160 15.54 0.35 3.58
CA ALA A 160 15.40 1.79 3.72
C ALA A 160 15.06 2.18 5.15
N LEU A 161 14.62 1.21 5.95
CA LEU A 161 14.13 1.43 7.30
C LEU A 161 15.06 0.91 8.38
N VAL A 162 15.92 -0.05 8.02
CA VAL A 162 16.80 -0.74 8.94
C VAL A 162 18.15 -0.92 8.25
N GLY A 163 19.13 -1.43 8.99
CA GLY A 163 20.49 -1.48 8.48
C GLY A 163 20.91 -2.84 7.93
N GLY A 164 22.08 -2.83 7.28
CA GLY A 164 22.75 -4.08 6.92
C GLY A 164 24.25 -3.91 6.98
N ALA A 165 24.95 -4.77 7.74
CA ALA A 165 26.38 -4.58 7.97
C ALA A 165 27.16 -4.61 6.66
N MET A 166 26.78 -5.49 5.73
CA MET A 166 27.41 -5.62 4.42
C MET A 166 26.73 -4.79 3.35
N GLN A 167 25.93 -3.81 3.76
CA GLN A 167 25.14 -3.00 2.85
C GLN A 167 25.26 -1.52 3.18
N THR A 168 26.38 -1.12 3.80
CA THR A 168 26.53 0.29 4.17
C THR A 168 26.49 1.20 2.95
N HIS A 169 26.92 0.70 1.79
CA HIS A 169 26.87 1.46 0.54
C HIS A 169 25.50 1.39 -0.12
N TYR A 170 24.69 0.39 0.23
CA TYR A 170 23.43 0.12 -0.45
C TYR A 170 22.23 0.67 0.29
N THR A 171 22.15 0.51 1.60
CA THR A 171 20.97 1.01 2.30
C THR A 171 20.79 2.52 2.12
N PRO A 172 21.83 3.36 2.05
CA PRO A 172 21.58 4.78 1.76
C PRO A 172 20.93 5.04 0.41
N THR A 173 21.17 4.19 -0.59
CA THR A 173 20.51 4.37 -1.88
C THR A 173 19.04 4.00 -1.81
N LYS A 174 18.69 2.99 -0.99
CA LYS A 174 17.29 2.62 -0.85
C LYS A 174 16.53 3.64 -0.02
N ALA A 175 17.16 4.14 1.04
CA ALA A 175 16.54 5.23 1.80
C ALA A 175 16.47 6.49 0.96
N GLY A 176 17.50 6.76 0.15
CA GLY A 176 17.46 7.92 -0.71
C GLY A 176 16.33 7.84 -1.73
N LEU A 177 16.06 6.64 -2.26
CA LEU A 177 14.97 6.47 -3.22
C LEU A 177 13.63 6.76 -2.59
N LEU A 178 13.41 6.29 -1.37
CA LEU A 178 12.18 6.58 -0.64
C LEU A 178 12.03 8.08 -0.46
N SER A 179 13.11 8.74 -0.02
CA SER A 179 13.06 10.17 0.20
C SER A 179 12.85 10.93 -1.10
N LEU A 180 13.47 10.47 -2.19
CA LEU A 180 13.19 11.04 -3.50
C LEU A 180 11.71 10.98 -3.84
N MET A 181 11.06 9.85 -3.56
CA MET A 181 9.62 9.79 -3.82
C MET A 181 8.85 10.79 -2.97
N GLN A 182 9.24 10.96 -1.71
CA GLN A 182 8.53 11.92 -0.86
C GLN A 182 8.66 13.34 -1.41
N SER A 183 9.87 13.73 -1.81
CA SER A 183 10.09 15.09 -2.30
C SER A 183 9.48 15.29 -3.68
N CYS A 184 9.55 14.28 -4.55
CA CYS A 184 8.92 14.39 -5.87
C CYS A 184 7.40 14.44 -5.76
N ALA A 185 6.84 13.78 -4.73
CA ALA A 185 5.40 13.87 -4.52
C ALA A 185 4.94 15.31 -4.35
N ILE A 186 5.70 16.13 -3.62
CA ILE A 186 5.36 17.54 -3.45
C ILE A 186 5.54 18.28 -4.75
N ALA A 187 6.68 18.07 -5.41
CA ALA A 187 7.02 18.83 -6.60
C ALA A 187 6.08 18.53 -7.76
N LEU A 188 5.57 17.30 -7.83
CA LEU A 188 4.80 16.85 -8.98
C LEU A 188 3.32 16.65 -8.68
N GLY A 189 2.92 16.77 -7.42
CA GLY A 189 1.52 16.72 -7.03
C GLY A 189 0.57 17.61 -7.81
N PRO A 190 0.93 18.88 -8.01
CA PRO A 190 0.04 19.79 -8.77
C PRO A 190 -0.18 19.35 -10.20
N TYR A 191 0.60 18.40 -10.70
CA TYR A 191 0.41 17.88 -12.04
C TYR A 191 -0.21 16.50 -12.05
N GLY A 192 -0.76 16.05 -10.91
CA GLY A 192 -1.42 14.77 -10.85
C GLY A 192 -0.49 13.59 -10.98
N ILE A 193 0.80 13.79 -10.75
CA ILE A 193 1.79 12.72 -10.81
C ILE A 193 2.03 12.20 -9.39
N ARG A 194 1.67 10.94 -9.17
CA ARG A 194 1.76 10.32 -7.86
C ARG A 194 3.07 9.57 -7.75
N CYS A 195 3.78 9.73 -6.62
CA CYS A 195 5.14 9.20 -6.47
C CYS A 195 5.19 8.38 -5.19
N ASN A 196 5.45 7.08 -5.31
CA ASN A 196 5.39 6.21 -4.13
C ASN A 196 6.55 5.24 -4.17
N ALA A 197 6.86 4.71 -3.00
CA ALA A 197 7.89 3.69 -2.86
C ALA A 197 7.29 2.38 -2.40
N VAL A 198 7.75 1.29 -3.00
CA VAL A 198 7.46 -0.06 -2.51
C VAL A 198 8.75 -0.61 -1.90
N LEU A 199 8.61 -1.31 -0.78
CA LEU A 199 9.74 -1.76 0.04
C LEU A 199 9.71 -3.28 0.16
N PRO A 200 10.29 -4.01 -0.78
CA PRO A 200 10.33 -5.48 -0.65
C PRO A 200 11.16 -5.88 0.55
N GLY A 201 10.76 -6.99 1.15
CA GLY A 201 11.53 -7.53 2.24
C GLY A 201 12.67 -8.35 1.69
N THR A 202 12.70 -9.61 2.01
CA THR A 202 13.70 -10.51 1.49
C THR A 202 13.02 -11.37 0.44
N ILE A 203 13.35 -11.11 -0.82
CA ILE A 203 12.75 -11.78 -1.97
C ILE A 203 13.83 -12.66 -2.57
N ALA A 204 13.55 -13.96 -2.71
CA ALA A 204 14.58 -14.88 -3.24
C ALA A 204 14.78 -14.58 -4.72
N THR A 205 15.87 -13.88 -5.05
CA THR A 205 16.20 -13.54 -6.43
C THR A 205 17.71 -13.66 -6.65
N ASP A 206 18.15 -13.30 -7.85
CA ASP A 206 19.58 -13.33 -8.16
C ASP A 206 20.38 -12.39 -7.25
N ILE A 207 19.75 -11.32 -6.74
CA ILE A 207 20.49 -10.35 -5.96
C ILE A 207 20.96 -10.92 -4.62
N ASN A 208 20.32 -11.97 -4.11
CA ASN A 208 20.74 -12.55 -2.84
C ASN A 208 20.89 -14.06 -2.92
N LYS A 209 21.05 -14.60 -4.12
CA LYS A 209 21.26 -16.04 -4.28
C LYS A 209 22.52 -16.51 -3.55
N GLU A 210 23.63 -15.80 -3.77
CA GLU A 210 24.87 -16.15 -3.08
C GLU A 210 24.76 -15.87 -1.59
N ASP A 211 24.13 -14.75 -1.23
CA ASP A 211 24.03 -14.38 0.19
C ASP A 211 23.26 -15.43 0.98
N LEU A 212 22.12 -15.85 0.46
CA LEU A 212 21.27 -16.81 1.16
C LEU A 212 21.66 -18.25 0.90
N SER A 213 22.73 -18.47 0.14
CA SER A 213 23.33 -19.80 0.03
C SER A 213 23.95 -20.25 1.34
N ASP A 214 24.17 -19.32 2.27
CA ASP A 214 24.55 -19.63 3.65
C ASP A 214 23.26 -20.02 4.38
N LEU A 215 23.05 -21.34 4.56
CA LEU A 215 21.77 -21.80 5.05
C LEU A 215 21.48 -21.37 6.48
N GLU A 216 22.51 -21.07 7.27
CA GLU A 216 22.28 -20.53 8.61
C GLU A 216 21.70 -19.13 8.52
N LYS A 217 22.20 -18.31 7.58
CA LYS A 217 21.61 -16.99 7.37
C LYS A 217 20.23 -17.11 6.76
N ARG A 218 20.06 -18.02 5.79
CA ARG A 218 18.75 -18.19 5.18
C ARG A 218 17.71 -18.60 6.23
N GLU A 219 18.07 -19.51 7.13
CA GLU A 219 17.10 -19.94 8.12
C GLU A 219 16.80 -18.83 9.12
N ARG A 220 17.84 -18.10 9.55
CA ARG A 220 17.62 -16.96 10.44
C ARG A 220 16.68 -15.94 9.81
N MET A 221 16.90 -15.63 8.53
CA MET A 221 16.04 -14.66 7.84
C MET A 221 14.62 -15.20 7.66
N THR A 222 14.49 -16.46 7.24
CA THR A 222 13.18 -17.05 7.01
C THR A 222 12.39 -17.19 8.30
N SER A 223 13.06 -17.56 9.39
CA SER A 223 12.37 -17.66 10.66
C SER A 223 11.80 -16.31 11.10
N ARG A 224 12.43 -15.20 10.69
CA ARG A 224 11.93 -13.89 11.07
C ARG A 224 10.73 -13.45 10.25
N VAL A 225 10.29 -14.21 9.25
CA VAL A 225 9.18 -13.80 8.39
C VAL A 225 7.89 -14.42 8.95
N PRO A 226 6.97 -13.61 9.51
CA PRO A 226 5.70 -14.19 10.01
C PRO A 226 4.95 -15.06 9.02
N LEU A 227 4.90 -14.69 7.75
CA LEU A 227 4.18 -15.51 6.78
C LEU A 227 4.90 -16.81 6.44
N GLY A 228 6.11 -17.01 6.95
CA GLY A 228 6.76 -18.31 6.93
C GLY A 228 7.49 -18.64 5.65
N ARG A 229 7.69 -17.68 4.76
CA ARG A 229 8.42 -17.92 3.52
C ARG A 229 9.11 -16.63 3.11
N LEU A 230 10.21 -16.78 2.38
CA LEU A 230 10.76 -15.64 1.67
C LEU A 230 9.84 -15.26 0.52
N GLY A 231 10.05 -14.08 -0.02
CA GLY A 231 9.26 -13.64 -1.14
C GLY A 231 9.76 -14.24 -2.44
N GLU A 232 8.92 -14.08 -3.46
CA GLU A 232 9.30 -14.33 -4.83
C GLU A 232 8.89 -13.11 -5.65
N PRO A 233 9.46 -12.94 -6.84
CA PRO A 233 9.15 -11.74 -7.65
C PRO A 233 7.67 -11.42 -7.81
N ASP A 234 6.82 -12.43 -8.02
CA ASP A 234 5.40 -12.16 -8.21
C ASP A 234 4.74 -11.52 -6.99
N ASP A 235 5.36 -11.65 -5.81
CA ASP A 235 4.81 -11.03 -4.61
C ASP A 235 4.84 -9.51 -4.70
N LEU A 236 5.65 -8.96 -5.59
CA LEU A 236 5.81 -7.52 -5.74
C LEU A 236 4.97 -6.97 -6.89
N ALA A 237 4.44 -7.84 -7.75
CA ALA A 237 3.68 -7.39 -8.91
C ALA A 237 2.37 -6.73 -8.51
N GLY A 238 1.60 -7.35 -7.61
CA GLY A 238 0.34 -6.81 -7.17
C GLY A 238 0.51 -5.44 -6.53
N PRO A 239 1.43 -5.33 -5.57
CA PRO A 239 1.66 -4.01 -4.95
C PRO A 239 2.05 -2.94 -5.97
N ILE A 240 2.87 -3.32 -6.96
CA ILE A 240 3.31 -2.33 -7.93
C ILE A 240 2.15 -1.93 -8.85
N VAL A 241 1.36 -2.90 -9.31
CA VAL A 241 0.19 -2.61 -10.14
C VAL A 241 -0.80 -1.75 -9.39
N PHE A 242 -1.04 -2.06 -8.11
CA PHE A 242 -1.92 -1.24 -7.28
C PHE A 242 -1.48 0.22 -7.30
N LEU A 243 -0.20 0.46 -7.00
CA LEU A 243 0.28 1.83 -6.90
C LEU A 243 0.27 2.54 -8.24
N ALA A 244 0.32 1.78 -9.34
CA ALA A 244 0.23 2.38 -10.67
C ALA A 244 -1.20 2.65 -11.12
N SER A 245 -2.20 2.13 -10.41
CA SER A 245 -3.59 2.11 -10.83
C SER A 245 -4.45 3.19 -10.14
N ASP A 246 -5.67 3.33 -10.66
CA ASP A 246 -6.62 4.27 -10.07
C ASP A 246 -7.08 3.84 -8.68
N MET A 247 -6.81 2.60 -8.28
CA MET A 247 -7.06 2.15 -6.91
C MET A 247 -6.27 2.97 -5.91
N ALA A 248 -5.19 3.59 -6.36
CA ALA A 248 -4.27 4.33 -5.51
C ALA A 248 -4.33 5.83 -5.85
N ARG A 249 -5.51 6.30 -6.28
CA ARG A 249 -5.67 7.65 -6.81
C ARG A 249 -5.30 8.74 -5.81
N TYR A 250 -5.44 8.48 -4.51
CA TYR A 250 -5.10 9.47 -3.49
C TYR A 250 -3.82 9.09 -2.74
N VAL A 251 -3.03 8.19 -3.29
CA VAL A 251 -1.82 7.68 -2.64
C VAL A 251 -0.62 8.30 -3.33
N THR A 252 0.12 9.14 -2.60
CA THR A 252 1.37 9.70 -3.10
C THR A 252 2.21 10.06 -1.88
N GLY A 253 3.53 10.05 -2.08
CA GLY A 253 4.40 10.24 -0.94
C GLY A 253 4.39 9.10 0.05
N ALA A 254 3.93 7.92 -0.36
CA ALA A 254 3.74 6.82 0.58
C ALA A 254 4.79 5.73 0.39
N SER A 255 4.89 4.91 1.44
CA SER A 255 5.78 3.77 1.47
C SER A 255 4.94 2.52 1.68
N LEU A 256 5.20 1.46 0.94
CA LEU A 256 4.44 0.23 1.11
C LEU A 256 5.41 -0.93 1.30
N LEU A 257 5.46 -1.44 2.52
CA LEU A 257 6.26 -2.60 2.83
C LEU A 257 5.61 -3.86 2.26
N VAL A 258 6.41 -4.71 1.61
CA VAL A 258 5.98 -5.98 1.03
C VAL A 258 7.00 -7.03 1.47
N ASP A 259 6.86 -7.52 2.70
CA ASP A 259 7.91 -8.26 3.36
C ASP A 259 7.43 -9.42 4.21
N GLY A 260 6.17 -9.83 4.08
CA GLY A 260 5.65 -10.93 4.86
C GLY A 260 5.72 -10.73 6.34
N GLY A 261 5.88 -9.49 6.81
CA GLY A 261 5.97 -9.21 8.23
C GLY A 261 7.37 -9.19 8.78
N LEU A 262 8.39 -9.31 7.92
CA LEU A 262 9.78 -9.31 8.35
C LEU A 262 10.13 -8.11 9.23
N PHE A 263 9.73 -6.91 8.82
CA PHE A 263 10.14 -5.71 9.54
C PHE A 263 9.64 -5.72 10.98
N VAL A 264 8.36 -6.06 11.18
CA VAL A 264 7.77 -5.92 12.51
C VAL A 264 8.17 -7.01 13.48
N ASN A 265 8.79 -8.09 12.99
CA ASN A 265 8.94 -9.29 13.83
C ASN A 265 10.16 -9.20 14.73
N LEU A 266 10.02 -8.45 15.82
CA LEU A 266 11.06 -8.42 16.84
C LEU A 266 11.01 -9.65 17.73
N GLN A 267 9.82 -10.02 18.20
CA GLN A 267 9.68 -11.17 19.08
C GLN A 267 8.23 -11.68 19.14
N SER B 12 -13.67 -8.52 -9.69
CA SER B 12 -13.96 -9.59 -8.75
C SER B 12 -12.75 -9.91 -7.86
N LEU B 13 -12.07 -8.87 -7.39
CA LEU B 13 -10.90 -9.08 -6.54
C LEU B 13 -11.24 -9.77 -5.23
N LEU B 14 -12.50 -9.72 -4.79
CA LEU B 14 -12.91 -10.28 -3.51
C LEU B 14 -14.03 -11.31 -3.69
N ILE B 15 -14.11 -11.92 -4.87
CA ILE B 15 -15.22 -12.82 -5.18
C ILE B 15 -15.26 -13.93 -4.15
N ASP B 16 -16.47 -14.19 -3.64
CA ASP B 16 -16.84 -15.23 -2.69
C ASP B 16 -16.35 -14.94 -1.26
N LYS B 17 -15.51 -13.94 -1.04
CA LYS B 17 -15.00 -13.67 0.29
C LYS B 17 -16.07 -13.00 1.14
N THR B 18 -16.14 -13.36 2.42
CA THR B 18 -17.01 -12.67 3.36
C THR B 18 -16.22 -11.58 4.05
N VAL B 19 -16.71 -10.34 3.93
CA VAL B 19 -16.03 -9.17 4.47
C VAL B 19 -16.91 -8.53 5.53
N ILE B 20 -16.34 -8.31 6.71
CA ILE B 20 -16.98 -7.51 7.76
C ILE B 20 -16.36 -6.11 7.75
N VAL B 21 -17.19 -5.08 7.70
CA VAL B 21 -16.74 -3.70 7.89
C VAL B 21 -17.46 -3.14 9.11
N THR B 22 -16.70 -2.70 10.11
CA THR B 22 -17.33 -2.06 11.26
C THR B 22 -17.57 -0.57 10.98
N GLY B 23 -18.62 -0.04 11.61
CA GLY B 23 -18.96 1.37 11.46
C GLY B 23 -19.20 1.81 10.04
N ALA B 24 -19.93 1.01 9.26
CA ALA B 24 -19.98 1.20 7.81
C ALA B 24 -21.25 1.93 7.35
N SER B 25 -21.96 2.59 8.27
CA SER B 25 -23.17 3.29 7.85
C SER B 25 -22.88 4.55 7.04
N ARG B 26 -21.71 5.17 7.25
CA ARG B 26 -21.38 6.38 6.51
C ARG B 26 -19.86 6.47 6.35
N GLY B 27 -19.43 7.48 5.61
CA GLY B 27 -18.02 7.82 5.57
C GLY B 27 -17.17 6.76 4.90
N ILE B 28 -15.94 6.60 5.42
CA ILE B 28 -14.98 5.70 4.82
C ILE B 28 -15.49 4.25 4.85
N GLY B 29 -16.16 3.87 5.94
CA GLY B 29 -16.66 2.51 6.05
C GLY B 29 -17.73 2.20 5.04
N ARG B 30 -18.64 3.15 4.82
CA ARG B 30 -19.68 2.96 3.81
C ARG B 30 -19.06 2.76 2.43
N ALA B 31 -18.10 3.61 2.05
CA ALA B 31 -17.49 3.49 0.74
C ALA B 31 -16.69 2.20 0.60
N ALA B 32 -16.04 1.78 1.68
CA ALA B 32 -15.28 0.53 1.64
C ALA B 32 -16.19 -0.69 1.50
N ALA B 33 -17.29 -0.73 2.24
CA ALA B 33 -18.20 -1.87 2.13
C ALA B 33 -18.83 -1.91 0.75
N ARG B 34 -19.20 -0.75 0.22
CA ARG B 34 -19.79 -0.69 -1.11
C ARG B 34 -18.83 -1.26 -2.17
N GLU B 35 -17.57 -0.83 -2.13
CA GLU B 35 -16.64 -1.28 -3.16
C GLU B 35 -16.26 -2.73 -2.95
N CYS B 36 -16.27 -3.20 -1.70
CA CYS B 36 -16.00 -4.63 -1.49
C CYS B 36 -17.08 -5.48 -2.16
N ALA B 37 -18.34 -5.07 -2.02
CA ALA B 37 -19.42 -5.80 -2.66
C ALA B 37 -19.36 -5.69 -4.18
N ARG B 38 -18.96 -4.51 -4.69
CA ARG B 38 -18.71 -4.36 -6.12
C ARG B 38 -17.65 -5.34 -6.60
N GLN B 39 -16.68 -5.68 -5.76
CA GLN B 39 -15.63 -6.60 -6.09
C GLN B 39 -16.01 -8.07 -5.81
N GLY B 40 -17.29 -8.34 -5.53
CA GLY B 40 -17.77 -9.69 -5.41
C GLY B 40 -17.91 -10.21 -4.00
N ALA B 41 -17.55 -9.42 -3.00
CA ALA B 41 -17.59 -9.89 -1.63
C ALA B 41 -19.03 -9.94 -1.10
N ARG B 42 -19.27 -10.89 -0.21
CA ARG B 42 -20.46 -10.85 0.63
C ARG B 42 -20.14 -10.00 1.86
N VAL B 43 -20.83 -8.88 2.00
CA VAL B 43 -20.45 -7.88 2.99
C VAL B 43 -21.37 -7.93 4.19
N VAL B 44 -20.77 -7.90 5.37
CA VAL B 44 -21.48 -7.66 6.62
C VAL B 44 -21.28 -6.19 6.97
N ILE B 45 -22.34 -5.40 6.84
CA ILE B 45 -22.28 -3.96 7.13
C ILE B 45 -22.55 -3.78 8.62
N GLY B 46 -21.49 -3.67 9.41
CA GLY B 46 -21.66 -3.37 10.83
C GLY B 46 -21.97 -1.91 11.08
N HIS B 47 -22.78 -1.65 12.10
CA HIS B 47 -23.12 -0.28 12.46
C HIS B 47 -23.22 -0.15 13.98
N SER B 48 -23.40 1.10 14.42
CA SER B 48 -23.29 1.46 15.83
C SER B 48 -24.50 1.08 16.66
N GLY B 49 -25.62 0.71 16.03
CA GLY B 49 -26.85 0.46 16.74
C GLY B 49 -27.73 1.67 16.98
N SER B 50 -27.24 2.87 16.67
CA SER B 50 -28.07 4.06 16.71
C SER B 50 -29.09 4.04 15.58
N ASP B 51 -29.99 5.02 15.59
CA ASP B 51 -31.04 5.08 14.57
C ASP B 51 -30.46 5.43 13.21
N GLU B 52 -29.60 6.45 13.15
CA GLU B 52 -28.95 6.80 11.90
C GLU B 52 -28.04 5.69 11.41
N GLY B 53 -27.33 5.03 12.32
CA GLY B 53 -26.47 3.93 11.91
C GLY B 53 -27.25 2.76 11.34
N ARG B 54 -28.37 2.43 11.98
CA ARG B 54 -29.24 1.39 11.43
C ARG B 54 -29.75 1.76 10.05
N ALA B 55 -30.28 2.99 9.90
CA ALA B 55 -30.85 3.41 8.62
C ALA B 55 -29.81 3.39 7.52
N GLY B 56 -28.61 3.89 7.82
CA GLY B 56 -27.56 3.95 6.80
C GLY B 56 -27.06 2.58 6.41
N ALA B 57 -26.93 1.68 7.38
CA ALA B 57 -26.55 0.31 7.05
C ALA B 57 -27.61 -0.36 6.18
N LEU B 58 -28.88 -0.14 6.49
CA LEU B 58 -29.94 -0.78 5.73
C LEU B 58 -30.01 -0.25 4.31
N SER B 59 -29.86 1.08 4.13
CA SER B 59 -29.90 1.60 2.77
C SER B 59 -28.71 1.12 1.94
N LEU B 60 -27.54 0.93 2.58
CA LEU B 60 -26.42 0.36 1.84
C LEU B 60 -26.69 -1.07 1.43
N ALA B 61 -27.33 -1.84 2.30
CA ALA B 61 -27.71 -3.19 1.93
C ALA B 61 -28.70 -3.19 0.76
N GLU B 62 -29.65 -2.26 0.78
CA GLU B 62 -30.59 -2.13 -0.32
C GLU B 62 -29.84 -1.84 -1.62
N GLU B 63 -28.90 -0.88 -1.57
CA GLU B 63 -28.15 -0.50 -2.75
C GLU B 63 -27.30 -1.65 -3.27
N ILE B 64 -26.70 -2.43 -2.37
CA ILE B 64 -25.84 -3.52 -2.81
C ILE B 64 -26.64 -4.61 -3.51
N ALA B 65 -27.78 -5.00 -2.92
CA ALA B 65 -28.63 -6.00 -3.56
C ALA B 65 -29.10 -5.51 -4.93
N ALA B 66 -29.28 -4.20 -5.08
CA ALA B 66 -29.78 -3.64 -6.33
C ALA B 66 -28.82 -3.88 -7.48
N PHE B 67 -27.51 -3.71 -7.26
CA PHE B 67 -26.57 -3.95 -8.34
C PHE B 67 -26.08 -5.40 -8.38
N GLY B 68 -26.75 -6.30 -7.66
CA GLY B 68 -26.50 -7.71 -7.77
C GLY B 68 -25.59 -8.31 -6.73
N GLY B 69 -25.37 -7.63 -5.61
CA GLY B 69 -24.55 -8.15 -4.54
C GLY B 69 -25.37 -8.72 -3.40
N THR B 70 -24.66 -9.20 -2.38
CA THR B 70 -25.27 -9.72 -1.17
C THR B 70 -24.68 -9.00 0.03
N ALA B 71 -25.53 -8.63 0.98
CA ALA B 71 -25.06 -7.96 2.18
C ALA B 71 -26.11 -8.09 3.27
N ILE B 72 -25.67 -7.87 4.50
CA ILE B 72 -26.55 -7.77 5.65
C ILE B 72 -26.09 -6.62 6.53
N ALA B 73 -27.03 -6.08 7.31
CA ALA B 73 -26.74 -5.04 8.30
C ALA B 73 -26.76 -5.67 9.68
N VAL B 74 -25.78 -5.35 10.50
CA VAL B 74 -25.64 -5.94 11.84
C VAL B 74 -25.24 -4.85 12.81
N GLY B 75 -26.04 -4.65 13.86
CA GLY B 75 -25.72 -3.66 14.87
C GLY B 75 -24.67 -4.19 15.83
N ALA B 76 -23.68 -3.35 16.13
CA ALA B 76 -22.55 -3.79 16.95
C ALA B 76 -21.80 -2.55 17.44
N ASP B 77 -22.10 -2.13 18.66
CA ASP B 77 -21.39 -1.04 19.30
C ASP B 77 -19.92 -1.41 19.46
N ALA B 78 -19.05 -0.65 18.78
CA ALA B 78 -17.63 -0.94 18.86
C ALA B 78 -17.10 -0.80 20.28
N ALA B 79 -17.71 0.07 21.09
CA ALA B 79 -17.29 0.23 22.47
C ALA B 79 -17.73 -0.93 23.36
N ASP B 80 -18.72 -1.71 22.93
CA ASP B 80 -19.07 -2.95 23.63
C ASP B 80 -18.08 -4.02 23.19
N LEU B 81 -17.25 -4.48 24.12
CA LEU B 81 -16.17 -5.39 23.76
C LEU B 81 -16.66 -6.78 23.37
N ASP B 82 -17.96 -7.04 23.45
CA ASP B 82 -18.51 -8.31 23.01
C ASP B 82 -19.11 -8.28 21.61
N SER B 83 -19.13 -7.11 20.96
CA SER B 83 -19.74 -7.03 19.64
C SER B 83 -18.93 -7.78 18.59
N GLY B 84 -17.62 -7.92 18.80
CA GLY B 84 -16.81 -8.68 17.86
C GLY B 84 -17.37 -10.07 17.60
N GLU B 85 -17.64 -10.83 18.66
CA GLU B 85 -18.18 -12.17 18.46
C GLU B 85 -19.57 -12.12 17.84
N LYS B 86 -20.33 -11.04 18.09
CA LYS B 86 -21.65 -10.90 17.49
C LYS B 86 -21.57 -10.67 15.99
N LEU B 87 -20.66 -9.77 15.56
CA LEU B 87 -20.45 -9.58 14.13
C LEU B 87 -20.00 -10.87 13.45
N VAL B 88 -19.07 -11.60 14.07
CA VAL B 88 -18.57 -12.82 13.45
C VAL B 88 -19.69 -13.85 13.37
N ALA B 89 -20.46 -14.01 14.45
CA ALA B 89 -21.55 -14.97 14.46
C ALA B 89 -22.57 -14.64 13.38
N ALA B 90 -22.95 -13.37 13.25
CA ALA B 90 -23.86 -12.99 12.18
C ALA B 90 -23.26 -13.28 10.81
N ALA B 91 -21.94 -13.09 10.67
CA ALA B 91 -21.30 -13.36 9.38
C ALA B 91 -21.31 -14.85 9.05
N VAL B 92 -21.00 -15.71 10.03
CA VAL B 92 -21.01 -17.14 9.77
C VAL B 92 -22.43 -17.63 9.50
N GLU B 93 -23.39 -17.15 10.28
CA GLU B 93 -24.79 -17.55 10.10
C GLU B 93 -25.30 -17.17 8.72
N ALA B 94 -24.91 -16.00 8.21
CA ALA B 94 -25.43 -15.54 6.93
C ALA B 94 -24.64 -16.12 5.76
N PHE B 95 -23.31 -16.07 5.83
CA PHE B 95 -22.46 -16.34 4.68
C PHE B 95 -21.49 -17.50 4.91
N GLY B 96 -21.48 -18.10 6.09
CA GLY B 96 -20.73 -19.33 6.29
C GLY B 96 -19.24 -19.19 6.50
N SER B 97 -18.71 -17.96 6.61
CA SER B 97 -17.28 -17.75 6.78
C SER B 97 -17.03 -16.29 7.16
N VAL B 98 -15.81 -16.04 7.64
CA VAL B 98 -15.27 -14.69 7.81
C VAL B 98 -13.89 -14.71 7.17
N ASP B 99 -13.69 -13.90 6.14
CA ASP B 99 -12.43 -13.93 5.43
C ASP B 99 -11.66 -12.62 5.50
N VAL B 100 -12.35 -11.50 5.70
CA VAL B 100 -11.76 -10.18 5.77
C VAL B 100 -12.44 -9.42 6.89
N LEU B 101 -11.66 -8.73 7.71
CA LEU B 101 -12.20 -7.73 8.62
C LEU B 101 -11.61 -6.38 8.26
N VAL B 102 -12.48 -5.40 8.02
CA VAL B 102 -12.08 -4.00 7.92
C VAL B 102 -12.57 -3.36 9.21
N ASN B 103 -11.66 -3.10 10.14
CA ASN B 103 -11.99 -2.40 11.37
C ASN B 103 -11.96 -0.91 11.08
N ASN B 104 -13.13 -0.28 11.03
CA ASN B 104 -13.23 1.12 10.64
C ASN B 104 -13.88 2.02 11.68
N ALA B 105 -14.73 1.49 12.56
CA ALA B 105 -15.45 2.33 13.51
C ALA B 105 -14.50 3.19 14.33
N GLY B 106 -14.88 4.45 14.52
CA GLY B 106 -14.06 5.35 15.30
C GLY B 106 -14.68 6.71 15.48
N ILE B 107 -14.32 7.37 16.57
CA ILE B 107 -14.77 8.72 16.89
C ILE B 107 -13.56 9.62 17.12
N CYS B 108 -13.72 10.90 16.83
CA CYS B 108 -12.71 11.91 17.18
C CYS B 108 -13.43 13.13 17.69
N PRO B 109 -13.82 13.13 18.95
CA PRO B 109 -14.40 14.35 19.54
C PRO B 109 -13.30 15.33 19.88
N PHE B 110 -13.07 16.31 18.99
CA PHE B 110 -11.98 17.25 19.20
C PHE B 110 -12.14 17.93 20.55
N HIS B 111 -11.03 18.05 21.28
CA HIS B 111 -11.09 18.61 22.62
C HIS B 111 -9.68 18.96 23.08
N SER B 112 -9.55 20.07 23.80
CA SER B 112 -8.25 20.46 24.33
C SER B 112 -7.77 19.45 25.36
N PHE B 113 -6.46 19.48 25.61
CA PHE B 113 -5.81 18.45 26.43
C PHE B 113 -5.98 18.69 27.92
N LEU B 114 -5.67 19.91 28.39
CA LEU B 114 -5.57 20.12 29.84
C LEU B 114 -6.91 20.00 30.54
N ASP B 115 -8.02 20.17 29.82
CA ASP B 115 -9.34 19.99 30.41
C ASP B 115 -10.09 18.79 29.85
N MET B 116 -9.38 17.84 29.26
CA MET B 116 -10.01 16.61 28.79
C MET B 116 -10.72 15.91 29.94
N PRO B 117 -12.02 15.65 29.85
CA PRO B 117 -12.69 14.86 30.88
C PRO B 117 -12.44 13.37 30.70
N ARG B 118 -12.40 12.66 31.82
CA ARG B 118 -12.06 11.24 31.77
C ARG B 118 -13.07 10.44 30.98
N GLU B 119 -14.36 10.80 31.07
CA GLU B 119 -15.38 10.04 30.33
C GLU B 119 -15.16 10.13 28.83
N LEU B 120 -14.86 11.32 28.32
CA LEU B 120 -14.62 11.47 26.89
C LEU B 120 -13.35 10.75 26.47
N TYR B 121 -12.29 10.87 27.26
CA TYR B 121 -11.08 10.13 26.96
C TYR B 121 -11.37 8.64 26.90
N LEU B 122 -12.05 8.14 27.93
CA LEU B 122 -12.23 6.70 28.03
C LEU B 122 -13.14 6.17 26.93
N LYS B 123 -14.08 6.97 26.45
CA LYS B 123 -14.93 6.51 25.36
C LYS B 123 -14.15 6.50 24.04
N THR B 124 -13.20 7.41 23.87
CA THR B 124 -12.41 7.44 22.65
C THR B 124 -11.51 6.22 22.57
N VAL B 125 -10.82 5.89 23.65
CA VAL B 125 -9.98 4.70 23.67
C VAL B 125 -10.82 3.43 23.59
N GLY B 126 -11.97 3.41 24.27
CA GLY B 126 -12.81 2.23 24.24
C GLY B 126 -13.37 1.93 22.86
N THR B 127 -13.85 2.96 22.17
CA THR B 127 -14.40 2.79 20.82
C THR B 127 -13.31 2.49 19.81
N ASN B 128 -12.25 3.29 19.81
CA ASN B 128 -11.29 3.26 18.70
C ASN B 128 -10.29 2.13 18.82
N LEU B 129 -9.91 1.78 20.04
CA LEU B 129 -8.82 0.84 20.27
C LEU B 129 -9.25 -0.43 20.98
N ASN B 130 -9.88 -0.32 22.16
CA ASN B 130 -10.24 -1.52 22.91
C ASN B 130 -11.24 -2.37 22.14
N GLY B 131 -12.29 -1.74 21.60
CA GLY B 131 -13.26 -2.49 20.82
C GLY B 131 -12.65 -3.09 19.57
N ALA B 132 -11.70 -2.38 18.96
CA ALA B 132 -11.03 -2.93 17.79
C ALA B 132 -10.24 -4.17 18.16
N TYR B 133 -9.57 -4.11 19.32
CA TYR B 133 -8.78 -5.26 19.75
C TYR B 133 -9.63 -6.53 19.79
N PHE B 134 -10.81 -6.44 20.41
CA PHE B 134 -11.57 -7.67 20.59
C PHE B 134 -12.40 -8.03 19.36
N THR B 135 -12.65 -7.06 18.49
CA THR B 135 -13.24 -7.40 17.19
C THR B 135 -12.23 -8.12 16.31
N VAL B 136 -10.99 -7.64 16.28
CA VAL B 136 -9.91 -8.35 15.57
C VAL B 136 -9.75 -9.75 16.14
N GLN B 137 -9.78 -9.88 17.46
CA GLN B 137 -9.64 -11.18 18.10
C GLN B 137 -10.73 -12.15 17.66
N ALA B 138 -11.99 -11.69 17.67
CA ALA B 138 -13.09 -12.57 17.29
C ALA B 138 -12.95 -13.01 15.84
N ALA B 139 -12.65 -12.07 14.95
CA ALA B 139 -12.54 -12.40 13.53
C ALA B 139 -11.32 -13.28 13.27
N ALA B 140 -10.19 -12.99 13.94
CA ALA B 140 -9.00 -13.82 13.75
C ALA B 140 -9.23 -15.24 14.27
N ARG B 141 -9.94 -15.37 15.39
CA ARG B 141 -10.27 -16.70 15.89
C ARG B 141 -11.02 -17.52 14.84
N ARG B 142 -11.96 -16.89 14.13
CA ARG B 142 -12.72 -17.62 13.13
C ARG B 142 -11.87 -17.93 11.91
N MET B 143 -11.05 -16.97 11.45
CA MET B 143 -10.15 -17.24 10.35
C MET B 143 -9.19 -18.37 10.68
N LYS B 144 -8.70 -18.42 11.92
CA LYS B 144 -7.80 -19.50 12.29
C LYS B 144 -8.51 -20.85 12.21
N GLU B 145 -9.75 -20.90 12.71
CA GLU B 145 -10.48 -22.16 12.71
C GLU B 145 -10.71 -22.68 11.30
N GLN B 146 -10.98 -21.76 10.35
CA GLN B 146 -11.28 -22.18 8.99
C GLN B 146 -10.08 -22.76 8.28
N GLY B 147 -8.89 -22.29 8.61
CA GLY B 147 -7.69 -22.79 7.96
C GLY B 147 -7.44 -22.27 6.56
N ARG B 148 -8.09 -21.17 6.17
CA ARG B 148 -7.98 -20.62 4.82
C ARG B 148 -7.22 -19.30 4.77
N GLY B 149 -6.60 -18.87 5.87
CA GLY B 149 -6.03 -17.54 5.85
C GLY B 149 -7.10 -16.47 5.95
N GLY B 150 -6.67 -15.24 5.73
CA GLY B 150 -7.59 -14.11 5.82
C GLY B 150 -6.83 -12.81 5.83
N ALA B 151 -7.60 -11.72 5.88
CA ALA B 151 -7.01 -10.39 5.85
C ALA B 151 -7.71 -9.51 6.85
N ILE B 152 -6.92 -8.76 7.62
CA ILE B 152 -7.44 -7.79 8.56
C ILE B 152 -6.84 -6.43 8.21
N ILE B 153 -7.68 -5.43 8.13
CA ILE B 153 -7.28 -4.06 7.81
C ILE B 153 -7.85 -3.15 8.88
N ALA B 154 -6.97 -2.42 9.58
CA ALA B 154 -7.40 -1.42 10.55
C ALA B 154 -7.32 -0.05 9.90
N VAL B 155 -8.40 0.72 10.00
CA VAL B 155 -8.32 2.12 9.58
C VAL B 155 -7.67 2.91 10.71
N SER B 156 -6.36 3.15 10.57
CA SER B 156 -5.57 4.03 11.43
C SER B 156 -5.66 5.46 10.87
N SER B 157 -4.55 6.20 10.85
CA SER B 157 -4.61 7.60 10.42
C SER B 157 -3.19 8.11 10.19
N ILE B 158 -3.08 9.14 9.36
CA ILE B 158 -1.86 9.95 9.34
C ILE B 158 -1.52 10.39 10.75
N SER B 159 -2.52 10.61 11.59
CA SER B 159 -2.27 11.01 12.97
C SER B 159 -1.72 9.86 13.85
N ALA B 160 -1.43 8.70 13.26
CA ALA B 160 -0.61 7.71 13.95
C ALA B 160 0.88 8.05 13.84
N LEU B 161 1.24 8.96 12.94
CA LEU B 161 2.62 9.34 12.68
C LEU B 161 2.96 10.72 13.15
N VAL B 162 1.97 11.58 13.35
CA VAL B 162 2.16 12.97 13.74
C VAL B 162 1.11 13.29 14.78
N GLY B 163 1.22 14.48 15.38
CA GLY B 163 0.37 14.84 16.49
C GLY B 163 -0.81 15.70 16.07
N GLY B 164 -1.72 15.86 17.02
CA GLY B 164 -2.77 16.87 16.90
C GLY B 164 -3.10 17.45 18.27
N ALA B 165 -3.06 18.79 18.39
CA ALA B 165 -3.20 19.39 19.72
C ALA B 165 -4.58 19.15 20.32
N MET B 166 -5.60 19.04 19.48
CA MET B 166 -6.96 18.79 19.94
C MET B 166 -7.34 17.33 19.80
N GLN B 167 -6.32 16.47 19.68
CA GLN B 167 -6.49 15.04 19.48
C GLN B 167 -5.56 14.24 20.37
N THR B 168 -5.17 14.78 21.54
CA THR B 168 -4.27 14.02 22.41
C THR B 168 -4.89 12.71 22.87
N HIS B 169 -6.23 12.67 22.97
CA HIS B 169 -6.94 11.44 23.29
C HIS B 169 -7.11 10.52 22.09
N TYR B 170 -7.00 11.05 20.87
CA TYR B 170 -7.32 10.33 19.66
C TYR B 170 -6.10 9.74 18.97
N THR B 171 -5.03 10.53 18.81
CA THR B 171 -3.87 10.01 18.11
C THR B 171 -3.31 8.75 18.77
N PRO B 172 -3.31 8.59 20.10
CA PRO B 172 -2.82 7.32 20.66
C PRO B 172 -3.66 6.13 20.24
N THR B 173 -4.96 6.32 19.97
CA THR B 173 -5.73 5.17 19.50
C THR B 173 -5.36 4.81 18.07
N LYS B 174 -5.04 5.80 17.23
CA LYS B 174 -4.66 5.49 15.86
C LYS B 174 -3.27 4.87 15.81
N ALA B 175 -2.33 5.40 16.61
CA ALA B 175 -1.03 4.74 16.73
C ALA B 175 -1.18 3.34 17.31
N GLY B 176 -2.07 3.21 18.31
CA GLY B 176 -2.32 1.90 18.90
C GLY B 176 -2.83 0.88 17.89
N LEU B 177 -3.75 1.30 17.02
CA LEU B 177 -4.26 0.40 15.99
C LEU B 177 -3.16 -0.06 15.06
N LEU B 178 -2.28 0.87 14.67
CA LEU B 178 -1.19 0.49 13.78
C LEU B 178 -0.28 -0.53 14.46
N SER B 179 0.05 -0.29 15.72
CA SER B 179 0.93 -1.19 16.44
C SER B 179 0.25 -2.54 16.66
N LEU B 180 -1.08 -2.53 16.84
CA LEU B 180 -1.84 -3.78 16.95
C LEU B 180 -1.72 -4.60 15.67
N MET B 181 -1.84 -3.96 14.51
CA MET B 181 -1.65 -4.71 13.28
C MET B 181 -0.24 -5.29 13.20
N GLN B 182 0.76 -4.55 13.69
CA GLN B 182 2.11 -5.08 13.64
C GLN B 182 2.25 -6.31 14.52
N SER B 183 1.70 -6.27 15.74
CA SER B 183 1.88 -7.42 16.63
C SER B 183 0.98 -8.58 16.20
N CYS B 184 -0.25 -8.29 15.77
CA CYS B 184 -1.10 -9.35 15.25
C CYS B 184 -0.53 -9.97 13.99
N ALA B 185 0.16 -9.20 13.14
CA ALA B 185 0.82 -9.77 11.97
C ALA B 185 1.74 -10.90 12.39
N ILE B 186 2.45 -10.73 13.50
CA ILE B 186 3.37 -11.77 13.98
C ILE B 186 2.60 -12.95 14.54
N ALA B 187 1.64 -12.69 15.43
CA ALA B 187 0.92 -13.78 16.10
C ALA B 187 0.08 -14.60 15.13
N LEU B 188 -0.41 -13.99 14.04
CA LEU B 188 -1.33 -14.68 13.14
C LEU B 188 -0.71 -15.08 11.82
N GLY B 189 0.52 -14.65 11.53
CA GLY B 189 1.22 -15.02 10.32
C GLY B 189 1.26 -16.51 10.05
N PRO B 190 1.55 -17.33 11.07
CA PRO B 190 1.52 -18.79 10.88
C PRO B 190 0.18 -19.32 10.44
N TYR B 191 -0.91 -18.58 10.63
CA TYR B 191 -2.23 -18.99 10.18
C TYR B 191 -2.65 -18.27 8.91
N GLY B 192 -1.72 -17.62 8.21
CA GLY B 192 -2.01 -16.96 6.95
C GLY B 192 -2.95 -15.78 7.03
N ILE B 193 -3.04 -15.13 8.19
CA ILE B 193 -3.91 -13.97 8.37
C ILE B 193 -3.00 -12.74 8.30
N ARG B 194 -3.17 -11.96 7.25
CA ARG B 194 -2.39 -10.74 7.05
C ARG B 194 -3.08 -9.58 7.75
N CYS B 195 -2.30 -8.77 8.48
CA CYS B 195 -2.84 -7.64 9.25
C CYS B 195 -2.10 -6.37 8.86
N ASN B 196 -2.85 -5.38 8.36
CA ASN B 196 -2.28 -4.12 7.86
C ASN B 196 -3.11 -2.95 8.33
N ALA B 197 -2.48 -1.77 8.29
CA ALA B 197 -3.13 -0.52 8.63
C ALA B 197 -3.18 0.35 7.39
N VAL B 198 -4.30 1.00 7.20
CA VAL B 198 -4.41 2.04 6.21
C VAL B 198 -4.53 3.36 6.96
N LEU B 199 -3.77 4.36 6.51
CA LEU B 199 -3.61 5.62 7.23
C LEU B 199 -4.19 6.73 6.36
N PRO B 200 -5.49 7.01 6.45
CA PRO B 200 -6.05 8.12 5.69
C PRO B 200 -5.52 9.45 6.20
N GLY B 201 -5.44 10.41 5.28
CA GLY B 201 -5.07 11.77 5.61
C GLY B 201 -6.29 12.56 6.04
N THR B 202 -6.51 13.72 5.45
CA THR B 202 -7.67 14.52 5.79
C THR B 202 -8.73 14.24 4.74
N ILE B 203 -9.70 13.41 5.14
CA ILE B 203 -10.82 13.02 4.30
C ILE B 203 -12.02 13.81 4.78
N ALA B 204 -12.64 14.57 3.87
CA ALA B 204 -13.80 15.38 4.27
C ALA B 204 -14.98 14.45 4.53
N THR B 205 -15.31 14.26 5.81
CA THR B 205 -16.40 13.38 6.24
C THR B 205 -17.09 14.04 7.42
N ASP B 206 -18.04 13.31 8.02
CA ASP B 206 -18.73 13.81 9.21
C ASP B 206 -17.77 14.09 10.35
N ILE B 207 -16.67 13.34 10.43
CA ILE B 207 -15.79 13.42 11.58
C ILE B 207 -15.10 14.77 11.66
N ASN B 208 -14.90 15.46 10.53
CA ASN B 208 -14.23 16.76 10.53
C ASN B 208 -15.05 17.83 9.82
N LYS B 209 -16.36 17.60 9.65
CA LYS B 209 -17.22 18.61 9.04
C LYS B 209 -17.18 19.91 9.84
N GLU B 210 -17.43 19.84 11.15
CA GLU B 210 -17.38 21.04 11.99
C GLU B 210 -15.97 21.60 12.06
N ASP B 211 -14.97 20.73 12.27
CA ASP B 211 -13.60 21.19 12.46
C ASP B 211 -13.12 22.02 11.27
N LEU B 212 -13.43 21.57 10.06
CA LEU B 212 -12.99 22.28 8.85
C LEU B 212 -14.01 23.30 8.37
N SER B 213 -15.08 23.54 9.14
CA SER B 213 -15.96 24.67 8.85
C SER B 213 -15.23 26.00 9.06
N ASP B 214 -14.20 26.03 9.90
CA ASP B 214 -13.29 27.16 9.97
C ASP B 214 -12.49 27.21 8.68
N LEU B 215 -12.74 28.23 7.85
CA LEU B 215 -12.17 28.23 6.51
C LEU B 215 -10.67 28.51 6.51
N GLU B 216 -10.14 29.14 7.56
CA GLU B 216 -8.69 29.34 7.63
C GLU B 216 -7.97 28.02 7.83
N LYS B 217 -8.49 27.18 8.73
CA LYS B 217 -7.88 25.87 8.90
C LYS B 217 -8.09 25.00 7.66
N ARG B 218 -9.26 25.12 7.01
CA ARG B 218 -9.53 24.32 5.82
C ARG B 218 -8.51 24.61 4.72
N GLU B 219 -8.23 25.89 4.49
CA GLU B 219 -7.23 26.25 3.48
C GLU B 219 -5.84 25.79 3.91
N ARG B 220 -5.48 26.02 5.17
CA ARG B 220 -4.18 25.61 5.67
C ARG B 220 -3.95 24.12 5.45
N MET B 221 -4.95 23.30 5.78
CA MET B 221 -4.83 21.86 5.53
C MET B 221 -4.82 21.56 4.04
N THR B 222 -5.73 22.16 3.28
CA THR B 222 -5.87 21.84 1.86
C THR B 222 -4.63 22.24 1.08
N SER B 223 -4.15 23.47 1.28
CA SER B 223 -2.95 23.91 0.58
C SER B 223 -1.73 23.09 0.95
N ARG B 224 -1.79 22.34 2.06
CA ARG B 224 -0.74 21.41 2.44
C ARG B 224 -0.85 20.07 1.72
N VAL B 225 -1.88 19.82 0.92
CA VAL B 225 -2.04 18.56 0.21
C VAL B 225 -1.44 18.74 -1.19
N PRO B 226 -0.33 18.06 -1.50
CA PRO B 226 0.22 18.17 -2.87
C PRO B 226 -0.77 17.82 -3.97
N LEU B 227 -1.67 16.86 -3.76
CA LEU B 227 -2.63 16.56 -4.82
C LEU B 227 -3.69 17.64 -4.96
N GLY B 228 -3.72 18.59 -4.04
CA GLY B 228 -4.54 19.78 -4.22
C GLY B 228 -5.97 19.66 -3.79
N ARG B 229 -6.32 18.59 -3.09
CA ARG B 229 -7.70 18.43 -2.62
C ARG B 229 -7.67 17.59 -1.36
N LEU B 230 -8.68 17.76 -0.51
CA LEU B 230 -8.89 16.81 0.56
C LEU B 230 -9.49 15.53 -0.02
N GLY B 231 -9.41 14.47 0.76
CA GLY B 231 -9.90 13.20 0.29
C GLY B 231 -11.40 13.08 0.43
N GLU B 232 -11.93 12.05 -0.19
CA GLU B 232 -13.31 11.64 -0.05
C GLU B 232 -13.33 10.16 0.29
N PRO B 233 -14.44 9.66 0.85
CA PRO B 233 -14.47 8.24 1.27
C PRO B 233 -14.02 7.26 0.21
N ASP B 234 -14.40 7.48 -1.05
CA ASP B 234 -14.01 6.55 -2.10
C ASP B 234 -12.50 6.49 -2.29
N ASP B 235 -11.76 7.51 -1.83
CA ASP B 235 -10.31 7.47 -1.94
C ASP B 235 -9.70 6.35 -1.12
N LEU B 236 -10.39 5.88 -0.08
CA LEU B 236 -9.87 4.77 0.70
C LEU B 236 -10.36 3.42 0.25
N ALA B 237 -11.34 3.35 -0.66
CA ALA B 237 -11.89 2.05 -1.02
C ALA B 237 -10.88 1.19 -1.78
N GLY B 238 -10.19 1.77 -2.75
CA GLY B 238 -9.16 1.06 -3.48
C GLY B 238 -8.06 0.49 -2.60
N PRO B 239 -7.49 1.31 -1.72
CA PRO B 239 -6.42 0.78 -0.86
C PRO B 239 -6.87 -0.32 0.09
N ILE B 240 -8.10 -0.23 0.62
CA ILE B 240 -8.62 -1.28 1.49
C ILE B 240 -8.87 -2.56 0.71
N VAL B 241 -9.49 -2.44 -0.47
CA VAL B 241 -9.70 -3.63 -1.33
C VAL B 241 -8.35 -4.26 -1.68
N PHE B 242 -7.38 -3.45 -2.06
CA PHE B 242 -6.05 -3.98 -2.35
C PHE B 242 -5.52 -4.79 -1.19
N LEU B 243 -5.54 -4.23 0.02
CA LEU B 243 -4.98 -4.93 1.16
C LEU B 243 -5.76 -6.19 1.50
N ALA B 244 -7.04 -6.26 1.13
CA ALA B 244 -7.88 -7.42 1.38
C ALA B 244 -7.75 -8.49 0.31
N SER B 245 -7.12 -8.16 -0.81
CA SER B 245 -7.10 -9.00 -1.99
C SER B 245 -5.79 -9.78 -2.09
N ASP B 246 -5.78 -10.68 -3.05
CA ASP B 246 -4.59 -11.46 -3.35
C ASP B 246 -3.47 -10.61 -3.96
N MET B 247 -3.77 -9.37 -4.38
CA MET B 247 -2.70 -8.49 -4.82
C MET B 247 -1.70 -8.26 -3.69
N ALA B 248 -2.15 -8.40 -2.44
CA ALA B 248 -1.32 -8.14 -1.26
C ALA B 248 -0.94 -9.42 -0.51
N ARG B 249 -0.75 -10.53 -1.22
CA ARG B 249 -0.53 -11.82 -0.56
C ARG B 249 0.71 -11.85 0.33
N TYR B 250 1.71 -11.01 0.04
CA TYR B 250 2.92 -10.95 0.85
C TYR B 250 2.97 -9.68 1.68
N VAL B 251 1.88 -8.94 1.80
CA VAL B 251 1.86 -7.71 2.59
C VAL B 251 1.23 -8.05 3.94
N THR B 252 2.01 -7.93 5.01
CA THR B 252 1.44 -7.99 6.36
C THR B 252 2.34 -7.23 7.31
N GLY B 253 1.72 -6.63 8.32
CA GLY B 253 2.43 -5.72 9.21
C GLY B 253 2.84 -4.43 8.57
N ALA B 254 2.13 -3.98 7.54
CA ALA B 254 2.46 -2.75 6.82
C ALA B 254 1.48 -1.63 7.12
N SER B 255 1.91 -0.41 6.79
CA SER B 255 1.15 0.83 6.91
C SER B 255 1.05 1.46 5.53
N LEU B 256 -0.12 1.99 5.17
CA LEU B 256 -0.29 2.64 3.87
C LEU B 256 -0.96 4.00 4.03
N LEU B 257 -0.19 5.09 3.84
CA LEU B 257 -0.72 6.45 3.87
C LEU B 257 -1.56 6.67 2.64
N VAL B 258 -2.79 7.07 2.85
CA VAL B 258 -3.67 7.46 1.76
C VAL B 258 -4.06 8.90 2.05
N ASP B 259 -3.19 9.85 1.64
CA ASP B 259 -3.31 11.21 2.17
C ASP B 259 -2.95 12.26 1.13
N GLY B 260 -2.84 11.92 -0.14
CA GLY B 260 -2.56 12.95 -1.12
C GLY B 260 -1.21 13.62 -1.00
N GLY B 261 -0.29 13.05 -0.24
CA GLY B 261 1.01 13.65 0.01
C GLY B 261 1.08 14.53 1.23
N LEU B 262 0.04 14.55 2.06
CA LEU B 262 -0.03 15.53 3.15
C LEU B 262 1.09 15.31 4.16
N PHE B 263 1.40 14.05 4.48
CA PHE B 263 2.42 13.74 5.49
C PHE B 263 3.79 14.26 5.07
N VAL B 264 4.14 14.10 3.78
CA VAL B 264 5.51 14.45 3.38
C VAL B 264 5.70 15.94 3.14
N ASN B 265 4.64 16.73 3.09
CA ASN B 265 4.74 18.09 2.57
C ASN B 265 5.16 19.06 3.66
N LEU B 266 6.47 19.20 3.86
CA LEU B 266 7.00 20.22 4.76
C LEU B 266 7.18 21.57 4.08
N GLN B 267 7.74 21.58 2.86
CA GLN B 267 8.06 22.83 2.17
C GLN B 267 8.37 22.62 0.69
PA NAD C . 17.99 -9.03 -9.58
O1A NAD C . 19.48 -8.99 -9.49
O2A NAD C . 17.46 -10.35 -10.06
O5B NAD C . 17.43 -7.84 -10.60
C5B NAD C . 18.17 -6.66 -10.74
C4B NAD C . 17.57 -5.97 -12.01
O4B NAD C . 18.08 -4.78 -12.17
C3B NAD C . 18.05 -6.86 -13.18
O3B NAD C . 17.10 -6.98 -14.16
C2B NAD C . 19.33 -6.09 -13.59
O2B NAD C . 19.83 -6.54 -14.96
C1B NAD C . 18.91 -4.86 -13.56
N9A NAD C . 20.04 -3.96 -13.57
C8A NAD C . 21.16 -4.05 -12.85
N7A NAD C . 21.96 -3.03 -13.18
C5A NAD C . 21.32 -2.30 -14.12
C6A NAD C . 21.69 -1.18 -14.80
N6A NAD C . 22.90 -0.38 -14.72
N1A NAD C . 20.85 -0.67 -15.70
C2A NAD C . 19.65 -1.24 -15.95
N3A NAD C . 19.28 -2.35 -15.28
C4A NAD C . 20.13 -2.89 -14.36
O3 NAD C . 17.36 -8.73 -8.09
PN NAD C . 15.94 -7.95 -7.73
O1N NAD C . 14.83 -8.25 -8.71
O2N NAD C . 15.61 -8.41 -6.34
O5D NAD C . 16.27 -6.36 -7.71
C5D NAD C . 15.34 -5.45 -8.26
C4D NAD C . 15.13 -4.33 -7.22
O4D NAD C . 14.63 -4.83 -6.10
C3D NAD C . 16.48 -3.67 -6.84
O3D NAD C . 16.42 -2.32 -6.96
C2D NAD C . 16.67 -4.10 -5.35
O2D NAD C . 17.50 -3.06 -4.65
C1D NAD C . 15.44 -4.14 -4.90
N1N NAD C . 15.17 -4.94 -3.77
C2N NAD C . 15.37 -6.32 -3.78
C3N NAD C . 15.06 -7.06 -2.62
C7N NAD C . 15.27 -8.54 -2.55
O7N NAD C . 15.30 -9.08 -1.50
N7N NAD C . 15.44 -9.32 -3.82
C4N NAD C . 14.54 -6.45 -1.50
C5N NAD C . 14.33 -5.09 -1.51
C6N NAD C . 14.65 -4.35 -2.66
C1 RM4 D . 17.39 -5.93 -0.06
C2 RM4 D . 17.16 -6.54 1.32
C3 RM4 D . 17.38 -8.05 1.26
C4 RM4 D . 18.70 -8.38 0.56
C5 RM4 D . 18.82 -7.66 -0.77
C6 RM4 D . 20.19 -7.87 -1.43
O1 RM4 D . 17.21 -4.52 0.00
O2 RM4 D . 18.08 -5.94 2.23
O3 RM4 D . 17.42 -8.59 2.58
O4 RM4 D . 18.75 -9.81 0.41
O5 RM4 D . 18.69 -6.25 -0.56
C1 RM4 E . -11.64 1.64 -6.83
C2 RM4 E . -11.31 2.63 -7.95
C3 RM4 E . -11.33 4.10 -7.53
C4 RM4 E . -12.60 4.44 -6.74
C5 RM4 E . -13.35 3.17 -6.31
C6 RM4 E . -14.39 3.44 -5.24
O1 RM4 E . -10.45 1.03 -6.32
O2 RM4 E . -10.02 2.29 -8.51
O3 RM4 E . -10.17 4.45 -6.76
O4 RM4 E . -13.42 5.29 -7.53
O5 RM4 E . -12.39 2.26 -5.78
PA NAD F . -17.48 9.25 10.17
O1A NAD F . -17.85 9.86 11.49
O2A NAD F . -18.31 9.81 9.04
O5B NAD F . -17.67 7.61 10.25
C5B NAD F . -17.36 7.04 11.48
C4B NAD F . -18.08 5.66 11.44
O4B NAD F . -17.83 5.00 12.53
C3B NAD F . -19.57 5.99 11.42
O3B NAD F . -20.21 5.22 10.49
C2B NAD F . -19.99 5.67 12.88
O2B NAD F . -21.49 5.39 12.96
C1B NAD F . -19.28 4.65 13.18
N9A NAD F . -19.18 4.56 14.62
C8A NAD F . -18.92 5.55 15.50
N7A NAD F . -18.97 5.04 16.73
C5A NAD F . -19.27 3.73 16.62
C6A NAD F . -19.46 2.75 17.55
N6A NAD F . -19.38 2.77 19.01
N1A NAD F . -19.77 1.51 17.14
C2A NAD F . -19.89 1.21 15.82
N3A NAD F . -19.72 2.19 14.89
C4A NAD F . -19.41 3.44 15.31
O3 NAD F . -15.92 9.63 9.89
PN NAD F . -14.87 8.74 8.97
O1N NAD F . -15.58 7.90 7.91
O2N NAD F . -13.86 9.67 8.36
O5D NAD F . -14.13 7.77 10.04
C5D NAD F . -14.00 6.37 9.81
C4D NAD F . -12.61 5.93 10.33
O4D NAD F . -11.67 6.56 9.64
C3D NAD F . -12.41 6.33 11.82
O3D NAD F . -11.87 5.30 12.51
C2D NAD F . -11.41 7.52 11.74
O2D NAD F . -10.59 7.60 13.00
C1D NAD F . -10.65 7.18 10.72
N1N NAD F . -9.94 8.23 10.06
C2N NAD F . -10.59 9.32 9.48
C3N NAD F . -9.82 10.29 8.81
C7N NAD F . -10.50 11.49 8.19
O7N NAD F . -9.88 12.47 7.89
N7N NAD F . -11.98 11.48 7.98
C4N NAD F . -8.46 10.17 8.70
C5N NAD F . -7.82 9.08 9.25
C6N NAD F . -8.60 8.11 9.93
C1 RM4 G . -7.83 12.11 11.28
C2 RM4 G . -6.90 13.25 10.88
C3 RM4 G . -7.76 14.31 10.23
C4 RM4 G . -8.91 14.72 11.16
C5 RM4 G . -9.70 13.48 11.63
C6 RM4 G . -10.74 13.83 12.67
O1 RM4 G . -7.12 11.02 11.85
O2 RM4 G . -6.24 13.75 12.04
O3 RM4 G . -6.99 15.47 9.92
O4 RM4 G . -9.77 15.58 10.43
O5 RM4 G . -8.79 12.56 12.22
C1 RM4 H . -1.51 -10.20 -9.00
C2 RM4 H . -2.09 -11.33 -8.14
C3 RM4 H . -1.03 -12.04 -7.30
C4 RM4 H . 0.17 -12.47 -8.16
C5 RM4 H . 0.22 -11.73 -9.48
C6 RM4 H . 1.58 -11.81 -10.17
O1 RM4 H . -1.76 -8.94 -8.38
O2 RM4 H . -3.12 -10.77 -7.31
O3 RM4 H . -0.60 -11.17 -6.25
O4 RM4 H . 0.13 -13.90 -8.39
O5 RM4 H . -0.11 -10.36 -9.23
#